data_2CV3
#
_entry.id   2CV3
#
_cell.length_a   50.883
_cell.length_b   57.349
_cell.length_c   74.512
_cell.angle_alpha   90.00
_cell.angle_beta   90.00
_cell.angle_gamma   90.00
#
_symmetry.space_group_name_H-M   'P 21 21 21'
#
loop_
_entity.id
_entity.type
_entity.pdbx_description
1 polymer 'Elastase 1'
2 polymer 'Inhibitor FR901451'
3 water water
#
loop_
_entity_poly.entity_id
_entity_poly.type
_entity_poly.pdbx_seq_one_letter_code
_entity_poly.pdbx_strand_id
1 'polypeptide(L)'
;VVGGTEAQRNSWPSQISLQYRSGSSWAHTCGGTLIRQNWVMTAAHCVDRELTFRVVVGEHNLNQNDGTEQYVGVQKIVVH
PYWNTDDVAAGYDIALLRLAQSVTLNSYVQLGVLPRAGTILANNSPCYITGWGLTRTNGQLAQTLQQAYLPTVDYAICSS
SSYWGSTVKNSMVCAGGDGVRSGCQGDSGGPLHCLVNGQYAVHGVTSFVSRLGCNVTRKPTVFTRVSAYISWINNVIASN
;
A
2 'polypeptide(L)' TTLKFPSDWDD B
#
# COMPACT_ATOMS: atom_id res chain seq x y z
N VAL A 1 7.69 7.30 -1.21
CA VAL A 1 8.77 6.46 -1.83
C VAL A 1 10.12 7.21 -1.83
N VAL A 2 11.12 6.65 -1.16
CA VAL A 2 12.47 7.23 -1.20
C VAL A 2 13.16 6.69 -2.46
N GLY A 3 13.89 7.53 -3.18
CA GLY A 3 14.58 7.03 -4.34
C GLY A 3 13.67 6.67 -5.51
N GLY A 4 12.54 7.34 -5.60
CA GLY A 4 11.61 7.02 -6.68
C GLY A 4 11.79 7.91 -7.88
N THR A 5 10.98 7.66 -8.94
CA THR A 5 10.95 8.51 -10.12
C THR A 5 9.42 8.74 -10.28
N GLU A 6 9.03 9.86 -10.89
CA GLU A 6 7.64 10.17 -11.08
C GLU A 6 7.03 9.15 -12.06
N ALA A 7 5.92 8.55 -11.68
CA ALA A 7 5.26 7.57 -12.54
C ALA A 7 4.52 8.31 -13.64
N GLN A 8 4.33 7.63 -14.77
CA GLN A 8 3.57 8.23 -15.85
C GLN A 8 2.16 8.10 -15.31
N ARG A 9 1.29 9.01 -15.71
CA ARG A 9 -0.12 9.03 -15.26
C ARG A 9 -0.95 7.82 -15.38
N ASN A 10 -0.68 6.98 -16.38
CA ASN A 10 -1.53 5.81 -16.62
C ASN A 10 -0.83 4.48 -16.39
N SER A 11 0.30 4.52 -15.70
CA SER A 11 1.03 3.29 -15.43
C SER A 11 0.41 2.42 -14.35
N TRP A 12 -0.19 3.05 -13.35
CA TRP A 12 -0.68 2.32 -12.17
C TRP A 12 -2.06 2.81 -11.82
N PRO A 13 -3.02 2.58 -12.74
CA PRO A 13 -4.41 3.01 -12.57
C PRO A 13 -5.18 2.48 -11.39
N SER A 14 -4.69 1.43 -10.73
CA SER A 14 -5.39 0.89 -9.53
C SER A 14 -4.96 1.60 -8.25
N GLN A 15 -3.86 2.35 -8.32
CA GLN A 15 -3.40 3.09 -7.16
C GLN A 15 -4.39 4.16 -6.75
N ILE A 16 -4.73 4.23 -5.46
CA ILE A 16 -5.60 5.32 -5.00
C ILE A 16 -4.94 6.06 -3.84
N SER A 17 -5.48 7.24 -3.51
CA SER A 17 -4.98 8.02 -2.40
C SER A 17 -6.12 7.99 -1.38
N LEU A 18 -5.82 7.51 -0.17
CA LEU A 18 -6.82 7.48 0.92
C LEU A 18 -6.54 8.75 1.73
N GLN A 19 -7.54 9.61 1.85
CA GLN A 19 -7.40 10.88 2.53
C GLN A 19 -8.37 11.00 3.66
N TYR A 20 -8.01 11.81 4.65
CA TYR A 20 -8.88 11.99 5.77
C TYR A 20 -9.18 13.49 5.94
N ARG A 21 -10.33 13.79 6.55
CA ARG A 21 -10.74 15.17 6.76
C ARG A 21 -9.77 15.76 7.79
N SER A 22 -9.20 16.90 7.45
CA SER A 22 -8.21 17.56 8.32
C SER A 22 -8.52 19.04 8.20
N GLY A 23 -8.84 19.64 9.35
CA GLY A 23 -9.21 21.05 9.38
C GLY A 23 -10.41 21.19 8.46
N SER A 24 -10.36 22.14 7.54
CA SER A 24 -11.44 22.31 6.60
C SER A 24 -11.16 21.63 5.24
N SER A 25 -10.08 20.84 5.15
CA SER A 25 -9.79 20.16 3.90
C SER A 25 -9.56 18.67 4.07
N TRP A 26 -8.92 18.06 3.08
CA TRP A 26 -8.65 16.63 3.06
C TRP A 26 -7.15 16.49 2.98
N ALA A 27 -6.61 15.47 3.64
CA ALA A 27 -5.16 15.23 3.67
C ALA A 27 -4.82 13.80 3.30
N HIS A 28 -3.89 13.61 2.37
CA HIS A 28 -3.48 12.25 2.00
C HIS A 28 -2.82 11.59 3.21
N THR A 29 -3.14 10.34 3.50
CA THR A 29 -2.54 9.69 4.64
C THR A 29 -2.01 8.32 4.28
N CYS A 30 -2.61 7.67 3.26
CA CYS A 30 -2.21 6.33 2.90
C CYS A 30 -2.51 6.03 1.44
N GLY A 31 -1.96 4.94 0.94
CA GLY A 31 -2.27 4.56 -0.42
C GLY A 31 -3.32 3.46 -0.31
N GLY A 32 -3.73 2.90 -1.45
CA GLY A 32 -4.67 1.78 -1.48
C GLY A 32 -4.71 1.25 -2.90
N THR A 33 -5.39 0.11 -3.14
CA THR A 33 -5.54 -0.48 -4.46
C THR A 33 -7.02 -0.66 -4.73
N LEU A 34 -7.49 -0.10 -5.84
CA LEU A 34 -8.90 -0.31 -6.18
C LEU A 34 -9.00 -1.79 -6.66
N ILE A 35 -9.88 -2.59 -6.06
CA ILE A 35 -10.00 -3.99 -6.49
C ILE A 35 -11.38 -4.35 -7.07
N ARG A 36 -12.36 -3.48 -6.86
CA ARG A 36 -13.71 -3.64 -7.41
C ARG A 36 -14.07 -2.19 -7.68
N GLN A 37 -14.99 -1.93 -8.61
CA GLN A 37 -15.38 -0.53 -8.83
C GLN A 37 -15.84 0.10 -7.54
N ASN A 38 -16.18 -0.73 -6.53
CA ASN A 38 -16.56 -0.15 -5.24
C ASN A 38 -15.88 -0.69 -3.98
N TRP A 39 -14.64 -1.16 -4.12
CA TRP A 39 -13.91 -1.69 -2.97
C TRP A 39 -12.47 -1.34 -3.15
N VAL A 40 -11.86 -0.88 -2.06
CA VAL A 40 -10.44 -0.53 -2.09
C VAL A 40 -9.78 -1.39 -1.03
N MET A 41 -8.59 -1.88 -1.35
CA MET A 41 -7.84 -2.68 -0.41
C MET A 41 -6.71 -1.79 0.14
N THR A 42 -6.55 -1.79 1.46
CA THR A 42 -5.53 -0.96 2.10
C THR A 42 -5.00 -1.65 3.34
N ALA A 43 -4.18 -0.96 4.12
CA ALA A 43 -3.65 -1.54 5.37
C ALA A 43 -4.63 -1.30 6.52
N ALA A 44 -4.80 -2.28 7.40
CA ALA A 44 -5.62 -2.05 8.58
C ALA A 44 -5.09 -0.88 9.41
N HIS A 45 -3.77 -0.68 9.51
CA HIS A 45 -3.35 0.41 10.41
C HIS A 45 -3.67 1.79 9.88
N CYS A 46 -4.07 1.88 8.63
CA CYS A 46 -4.43 3.14 8.07
C CYS A 46 -5.84 3.51 8.45
N VAL A 47 -6.70 2.51 8.80
CA VAL A 47 -8.11 2.80 9.04
C VAL A 47 -8.69 2.31 10.35
N ASP A 48 -7.72 2.03 11.23
CA ASP A 48 -7.77 1.54 12.58
C ASP A 48 -8.42 2.43 13.62
N ARG A 49 -8.60 3.68 13.23
CA ARG A 49 -9.09 4.67 14.13
C ARG A 49 -10.49 5.21 13.88
N GLU A 50 -10.64 6.50 14.16
CA GLU A 50 -11.93 7.18 14.06
C GLU A 50 -11.94 8.32 13.03
N LEU A 51 -11.04 8.29 12.05
CA LEU A 51 -10.96 9.36 11.07
C LEU A 51 -12.07 9.26 10.02
N THR A 52 -12.30 10.34 9.30
CA THR A 52 -13.29 10.44 8.21
C THR A 52 -12.49 10.25 6.91
N PHE A 53 -12.85 9.29 6.07
CA PHE A 53 -12.07 9.03 4.88
C PHE A 53 -12.77 9.23 3.56
N ARG A 54 -11.98 9.60 2.53
CA ARG A 54 -12.51 9.67 1.17
C ARG A 54 -11.41 9.01 0.36
N VAL A 55 -11.78 8.44 -0.76
CA VAL A 55 -10.84 7.76 -1.64
C VAL A 55 -10.73 8.61 -2.90
N VAL A 56 -9.53 8.79 -3.44
CA VAL A 56 -9.42 9.54 -4.67
C VAL A 56 -8.82 8.56 -5.70
N VAL A 57 -9.54 8.30 -6.79
CA VAL A 57 -9.02 7.43 -7.85
C VAL A 57 -8.63 8.38 -9.01
N GLY A 58 -7.83 7.90 -9.96
CA GLY A 58 -7.43 8.78 -11.06
C GLY A 58 -6.60 9.97 -10.57
N GLU A 59 -5.93 9.80 -9.40
CA GLU A 59 -5.14 10.89 -8.79
C GLU A 59 -3.69 10.79 -9.20
N HIS A 60 -3.10 11.92 -9.56
CA HIS A 60 -1.66 11.94 -9.89
C HIS A 60 -0.90 12.95 -9.04
N ASN A 61 -1.39 14.20 -9.01
CA ASN A 61 -0.77 15.27 -8.25
C ASN A 61 -1.69 15.59 -7.09
N LEU A 62 -1.21 15.43 -5.88
CA LEU A 62 -2.08 15.67 -4.71
C LEU A 62 -2.48 17.13 -4.54
N ASN A 63 -1.67 18.01 -5.08
CA ASN A 63 -1.86 19.44 -4.91
C ASN A 63 -2.34 20.17 -6.14
N GLN A 64 -2.76 19.44 -7.16
CA GLN A 64 -3.23 20.11 -8.39
C GLN A 64 -4.33 19.31 -9.02
N ASN A 65 -5.21 20.04 -9.71
CA ASN A 65 -6.34 19.42 -10.40
C ASN A 65 -5.75 18.71 -11.65
N ASP A 66 -5.84 17.37 -11.67
CA ASP A 66 -5.32 16.63 -12.80
C ASP A 66 -6.33 16.52 -13.94
N GLY A 67 -7.60 16.79 -13.65
CA GLY A 67 -8.59 16.67 -14.68
C GLY A 67 -8.93 15.22 -14.93
N THR A 68 -8.50 14.33 -14.01
CA THR A 68 -8.81 12.89 -14.12
C THR A 68 -9.36 12.24 -12.83
N GLU A 69 -9.39 12.99 -11.72
CA GLU A 69 -9.81 12.41 -10.43
C GLU A 69 -11.29 12.15 -10.23
N GLN A 70 -11.62 11.12 -9.43
CA GLN A 70 -13.01 10.91 -9.00
C GLN A 70 -12.83 10.84 -7.48
N TYR A 71 -13.70 11.53 -6.73
CA TYR A 71 -13.63 11.51 -5.27
C TYR A 71 -14.81 10.76 -4.72
N VAL A 72 -14.58 9.89 -3.75
CA VAL A 72 -15.70 9.10 -3.28
C VAL A 72 -15.55 8.77 -1.83
N GLY A 73 -16.66 8.84 -1.09
CA GLY A 73 -16.61 8.54 0.33
C GLY A 73 -16.48 7.05 0.63
N VAL A 74 -16.09 6.74 1.86
CA VAL A 74 -15.93 5.35 2.34
C VAL A 74 -17.13 5.06 3.21
N GLN A 75 -18.00 4.19 2.73
CA GLN A 75 -19.19 3.87 3.47
C GLN A 75 -19.01 2.84 4.59
N LYS A 76 -18.15 1.84 4.38
CA LYS A 76 -17.94 0.82 5.37
C LYS A 76 -16.49 0.39 5.33
N ILE A 77 -15.94 0.07 6.49
CA ILE A 77 -14.56 -0.42 6.56
C ILE A 77 -14.59 -1.80 7.22
N VAL A 78 -13.95 -2.77 6.57
CA VAL A 78 -13.82 -4.09 7.13
C VAL A 78 -12.34 -4.37 7.40
N VAL A 79 -11.94 -4.33 8.67
CA VAL A 79 -10.54 -4.61 8.96
C VAL A 79 -10.44 -6.11 9.19
N HIS A 80 -9.30 -6.70 8.92
CA HIS A 80 -9.16 -8.13 9.17
C HIS A 80 -9.45 -8.39 10.63
N PRO A 81 -10.34 -9.36 10.92
CA PRO A 81 -10.65 -9.65 12.33
C PRO A 81 -9.44 -9.98 13.22
N TYR A 82 -8.37 -10.54 12.65
CA TYR A 82 -7.19 -10.86 13.46
C TYR A 82 -6.15 -9.76 13.63
N TRP A 83 -6.40 -8.61 13.02
CA TRP A 83 -5.49 -7.47 13.08
C TRP A 83 -5.37 -7.01 14.53
N ASN A 84 -4.13 -6.80 14.99
CA ASN A 84 -3.86 -6.36 16.35
C ASN A 84 -3.08 -5.06 16.23
N THR A 85 -3.72 -3.94 16.55
CA THR A 85 -3.07 -2.64 16.43
C THR A 85 -1.80 -2.53 17.24
N ASP A 86 -1.71 -3.34 18.30
CA ASP A 86 -0.52 -3.31 19.19
C ASP A 86 0.64 -4.19 18.68
N ASP A 87 0.42 -4.90 17.60
CA ASP A 87 1.47 -5.75 17.10
C ASP A 87 1.38 -5.81 15.57
N VAL A 88 1.83 -4.78 14.85
CA VAL A 88 1.71 -4.87 13.39
C VAL A 88 2.57 -6.05 12.87
N ALA A 89 3.60 -6.42 13.64
CA ALA A 89 4.48 -7.51 13.16
C ALA A 89 3.83 -8.88 13.17
N ALA A 90 2.64 -8.97 13.79
CA ALA A 90 1.90 -10.25 13.87
C ALA A 90 1.21 -10.50 12.52
N GLY A 91 1.09 -9.47 11.70
CA GLY A 91 0.46 -9.63 10.38
C GLY A 91 -1.00 -9.16 10.34
N TYR A 92 -1.75 -9.67 9.37
CA TYR A 92 -3.17 -9.34 9.16
C TYR A 92 -3.34 -7.85 8.95
N ASP A 93 -2.30 -7.19 8.43
CA ASP A 93 -2.43 -5.73 8.22
C ASP A 93 -3.14 -5.46 6.90
N ILE A 94 -4.44 -5.61 6.87
CA ILE A 94 -5.16 -5.41 5.60
C ILE A 94 -6.60 -5.07 5.94
N ALA A 95 -7.24 -4.23 5.12
CA ALA A 95 -8.62 -3.84 5.39
C ALA A 95 -9.24 -3.57 4.02
N LEU A 96 -10.55 -3.71 3.95
CA LEU A 96 -11.24 -3.46 2.70
C LEU A 96 -12.22 -2.30 2.94
N LEU A 97 -12.26 -1.36 1.99
CA LEU A 97 -13.11 -0.17 2.10
C LEU A 97 -14.16 -0.26 1.02
N ARG A 98 -15.42 -0.24 1.45
CA ARG A 98 -16.54 -0.27 0.54
C ARG A 98 -16.84 1.21 0.24
N LEU A 99 -16.72 1.59 -1.03
CA LEU A 99 -16.97 2.97 -1.47
C LEU A 99 -18.46 3.31 -1.57
N ALA A 100 -18.81 4.58 -1.26
CA ALA A 100 -20.20 5.03 -1.29
C ALA A 100 -20.82 4.90 -2.69
N GLN A 101 -20.02 5.06 -3.74
CA GLN A 101 -20.51 4.87 -5.11
C GLN A 101 -19.42 4.09 -5.83
N SER A 102 -19.79 3.38 -6.91
CA SER A 102 -18.82 2.70 -7.75
C SER A 102 -18.14 3.79 -8.57
N VAL A 103 -16.83 3.70 -8.75
CA VAL A 103 -16.14 4.66 -9.58
C VAL A 103 -16.23 4.15 -11.03
N THR A 104 -15.95 5.04 -11.97
CA THR A 104 -15.98 4.71 -13.40
C THR A 104 -14.56 4.41 -13.86
N LEU A 105 -14.39 3.32 -14.58
CA LEU A 105 -13.06 2.93 -15.01
C LEU A 105 -12.69 3.60 -16.34
N ASN A 106 -11.41 3.92 -16.52
CA ASN A 106 -10.91 4.59 -17.74
C ASN A 106 -9.37 4.41 -17.75
N SER A 107 -8.55 5.14 -18.52
CA SER A 107 -7.12 4.79 -18.42
C SER A 107 -6.41 5.14 -17.13
N TYR A 108 -7.06 5.98 -16.34
CA TYR A 108 -6.52 6.41 -15.06
C TYR A 108 -7.08 5.60 -13.90
N VAL A 109 -8.15 4.85 -14.16
CA VAL A 109 -8.86 4.12 -13.11
C VAL A 109 -9.13 2.69 -13.53
N GLN A 110 -8.41 1.74 -12.95
CA GLN A 110 -8.64 0.36 -13.31
C GLN A 110 -8.53 -0.49 -12.09
N LEU A 111 -9.06 -1.72 -12.16
CA LEU A 111 -8.94 -2.63 -11.00
C LEU A 111 -7.54 -3.23 -10.93
N GLY A 112 -6.98 -3.35 -9.71
CA GLY A 112 -5.66 -3.93 -9.60
C GLY A 112 -5.84 -5.45 -9.76
N VAL A 113 -4.96 -6.13 -10.47
CA VAL A 113 -5.16 -7.57 -10.58
C VAL A 113 -4.54 -8.28 -9.39
N LEU A 114 -5.27 -9.22 -8.79
CA LEU A 114 -4.75 -9.91 -7.61
C LEU A 114 -4.09 -11.23 -7.98
N PRO A 115 -3.02 -11.64 -7.24
CA PRO A 115 -2.37 -12.90 -7.58
C PRO A 115 -3.26 -14.05 -7.19
N ARG A 116 -2.89 -15.22 -7.67
CA ARG A 116 -3.66 -16.38 -7.32
C ARG A 116 -3.29 -16.68 -5.85
N ALA A 117 -4.26 -17.17 -5.09
CA ALA A 117 -4.06 -17.53 -3.70
C ALA A 117 -2.85 -18.47 -3.50
N GLY A 118 -2.06 -18.17 -2.49
CA GLY A 118 -0.91 -19.02 -2.15
C GLY A 118 0.36 -18.72 -2.90
N THR A 119 0.29 -17.80 -3.87
CA THR A 119 1.49 -17.49 -4.66
C THR A 119 2.59 -16.81 -3.82
N ILE A 120 3.77 -17.39 -3.85
CA ILE A 120 4.96 -16.84 -3.15
C ILE A 120 6.01 -16.64 -4.23
N LEU A 121 6.50 -15.40 -4.39
CA LEU A 121 7.47 -15.11 -5.43
C LEU A 121 8.90 -15.56 -5.12
N ALA A 122 9.63 -15.96 -6.17
CA ALA A 122 11.03 -16.39 -6.02
C ALA A 122 11.80 -15.15 -5.51
N ASN A 123 12.89 -15.38 -4.80
CA ASN A 123 13.72 -14.29 -4.34
C ASN A 123 14.10 -13.41 -5.55
N ASN A 124 14.31 -12.13 -5.29
CA ASN A 124 14.66 -11.16 -6.32
C ASN A 124 13.64 -11.02 -7.47
N SER A 125 12.38 -11.25 -7.19
CA SER A 125 11.35 -11.09 -8.22
C SER A 125 11.15 -9.62 -8.47
N PRO A 126 10.93 -9.24 -9.71
CA PRO A 126 10.75 -7.83 -10.08
C PRO A 126 9.44 -7.22 -9.67
N CYS A 127 9.51 -6.15 -8.85
CA CYS A 127 8.29 -5.46 -8.42
C CYS A 127 8.53 -3.96 -8.30
N TYR A 128 7.42 -3.20 -8.24
CA TYR A 128 7.54 -1.76 -8.07
C TYR A 128 6.60 -1.32 -6.95
N ILE A 129 7.11 -0.47 -6.08
CA ILE A 129 6.25 0.15 -5.05
C ILE A 129 5.84 1.49 -5.63
N THR A 130 4.59 1.90 -5.42
CA THR A 130 4.12 3.21 -5.89
C THR A 130 3.45 3.95 -4.71
N GLY A 131 3.50 5.27 -4.71
CA GLY A 131 2.87 6.04 -3.66
C GLY A 131 3.31 7.49 -3.59
N TRP A 132 2.64 8.27 -2.74
CA TRP A 132 2.92 9.69 -2.54
C TRP A 132 3.64 9.92 -1.22
N GLY A 133 4.06 8.80 -0.59
CA GLY A 133 4.76 8.86 0.69
C GLY A 133 6.05 9.66 0.67
N LEU A 134 6.66 9.87 1.84
CA LEU A 134 7.86 10.70 1.95
C LEU A 134 8.92 10.35 0.95
N THR A 135 9.61 11.39 0.49
CA THR A 135 10.69 11.18 -0.50
C THR A 135 12.06 10.99 0.17
N ARG A 136 12.09 11.23 1.47
CA ARG A 136 13.26 10.96 2.33
C ARG A 136 12.76 10.60 3.72
N THR A 137 13.58 9.93 4.51
CA THR A 137 13.22 9.58 5.86
C THR A 137 13.08 10.95 6.54
N ASN A 138 12.02 11.12 7.33
CA ASN A 138 11.75 12.38 8.04
C ASN A 138 11.56 13.58 7.12
N GLY A 139 11.18 13.30 5.87
CA GLY A 139 10.98 14.33 4.85
C GLY A 139 9.51 14.68 4.62
N GLN A 140 9.18 14.97 3.38
CA GLN A 140 7.80 15.38 3.05
C GLN A 140 7.24 14.49 1.96
N LEU A 141 5.91 14.43 1.92
CA LEU A 141 5.18 13.67 0.88
C LEU A 141 5.55 14.19 -0.51
N ALA A 142 5.46 13.31 -1.50
CA ALA A 142 5.73 13.68 -2.89
C ALA A 142 4.47 14.40 -3.35
N GLN A 143 4.59 15.30 -4.30
CA GLN A 143 3.40 15.92 -4.84
C GLN A 143 2.79 15.01 -5.91
N THR A 144 3.65 14.35 -6.69
CA THR A 144 3.20 13.49 -7.76
C THR A 144 3.50 12.02 -7.46
N LEU A 145 2.66 11.13 -7.97
CA LEU A 145 2.88 9.69 -7.71
C LEU A 145 4.29 9.25 -8.11
N GLN A 146 4.97 8.56 -7.19
CA GLN A 146 6.30 8.05 -7.41
C GLN A 146 6.32 6.54 -7.50
N GLN A 147 7.35 6.00 -8.11
CA GLN A 147 7.50 4.56 -8.20
C GLN A 147 8.98 4.28 -8.00
N ALA A 148 9.25 3.08 -7.50
CA ALA A 148 10.62 2.63 -7.29
C ALA A 148 10.69 1.11 -7.43
N TYR A 149 11.70 0.66 -8.17
CA TYR A 149 11.95 -0.76 -8.38
C TYR A 149 12.42 -1.31 -7.05
N LEU A 150 11.68 -2.31 -6.56
CA LEU A 150 11.97 -2.95 -5.28
C LEU A 150 11.87 -4.48 -5.48
N PRO A 151 12.98 -5.17 -5.75
CA PRO A 151 12.92 -6.63 -5.93
C PRO A 151 12.61 -7.34 -4.59
N THR A 152 11.86 -8.44 -4.63
CA THR A 152 11.53 -9.16 -3.43
C THR A 152 12.75 -9.78 -2.76
N VAL A 153 12.62 -10.01 -1.44
CA VAL A 153 13.65 -10.68 -0.63
C VAL A 153 12.85 -11.84 -0.01
N ASP A 154 13.14 -13.06 -0.43
CA ASP A 154 12.32 -14.16 0.06
C ASP A 154 12.38 -14.35 1.57
N TYR A 155 11.42 -15.11 2.08
CA TYR A 155 11.34 -15.31 3.52
C TYR A 155 12.62 -15.77 4.19
N ALA A 156 13.30 -16.73 3.56
CA ALA A 156 14.53 -17.26 4.13
C ALA A 156 15.54 -16.15 4.36
N ILE A 157 15.68 -15.25 3.40
CA ILE A 157 16.62 -14.19 3.58
C ILE A 157 16.05 -13.09 4.49
N CYS A 158 14.80 -12.73 4.28
CA CYS A 158 14.20 -11.66 5.03
C CYS A 158 14.15 -11.93 6.50
N SER A 159 13.96 -13.20 6.85
CA SER A 159 13.86 -13.55 8.24
C SER A 159 15.20 -13.81 8.92
N SER A 160 16.32 -13.60 8.23
CA SER A 160 17.63 -13.88 8.83
C SER A 160 17.98 -12.74 9.77
N SER A 161 18.89 -12.96 10.72
CA SER A 161 19.21 -11.91 11.69
C SER A 161 19.69 -10.57 11.17
N SER A 162 20.43 -10.54 10.07
CA SER A 162 20.89 -9.26 9.59
C SER A 162 19.79 -8.47 8.87
N TYR A 163 18.68 -9.13 8.55
CA TYR A 163 17.55 -8.45 7.90
C TYR A 163 16.49 -8.17 8.95
N TRP A 164 15.29 -8.78 8.80
CA TRP A 164 14.19 -8.57 9.72
C TRP A 164 14.02 -9.60 10.84
N GLY A 165 14.80 -10.66 10.77
CA GLY A 165 14.67 -11.66 11.80
C GLY A 165 13.26 -12.17 12.05
N SER A 166 12.88 -12.19 13.33
CA SER A 166 11.59 -12.69 13.76
C SER A 166 10.41 -11.81 13.41
N THR A 167 10.73 -10.56 13.10
CA THR A 167 9.68 -9.60 12.82
C THR A 167 8.86 -9.91 11.58
N VAL A 168 9.49 -10.43 10.53
CA VAL A 168 8.77 -10.76 9.29
C VAL A 168 8.05 -12.11 9.47
N LYS A 169 6.86 -12.26 8.88
CA LYS A 169 6.09 -13.52 8.94
C LYS A 169 5.93 -13.99 7.48
N ASN A 170 5.58 -15.25 7.29
CA ASN A 170 5.44 -15.77 5.95
C ASN A 170 4.19 -15.19 5.26
N SER A 171 3.32 -14.54 6.04
CA SER A 171 2.12 -13.86 5.55
C SER A 171 2.48 -12.46 4.99
N MET A 172 3.79 -12.19 4.88
CA MET A 172 4.21 -10.90 4.34
C MET A 172 5.18 -11.05 3.13
N VAL A 173 5.37 -9.96 2.41
CA VAL A 173 6.34 -9.96 1.33
C VAL A 173 7.35 -8.88 1.70
N CYS A 174 8.64 -9.19 1.61
CA CYS A 174 9.68 -8.17 1.83
C CYS A 174 10.19 -7.76 0.46
N ALA A 175 10.45 -6.47 0.27
CA ALA A 175 11.03 -6.01 -1.03
C ALA A 175 11.93 -4.79 -0.89
N GLY A 176 13.08 -4.82 -1.58
CA GLY A 176 13.99 -3.71 -1.57
C GLY A 176 15.12 -3.97 -0.59
N GLY A 177 15.33 -3.01 0.30
CA GLY A 177 16.40 -3.15 1.30
C GLY A 177 17.78 -2.76 0.72
N ASP A 178 17.78 -2.02 -0.38
CA ASP A 178 19.06 -1.64 -0.99
C ASP A 178 19.76 -0.38 -0.42
N GLY A 179 19.19 0.20 0.65
CA GLY A 179 19.72 1.41 1.28
C GLY A 179 19.39 2.70 0.59
N VAL A 180 18.77 2.59 -0.58
CA VAL A 180 18.46 3.75 -1.38
C VAL A 180 16.97 3.95 -1.74
N ARG A 181 16.28 2.88 -2.09
CA ARG A 181 14.85 2.94 -2.49
C ARG A 181 13.99 2.26 -1.46
N SER A 182 12.83 2.81 -1.10
CA SER A 182 11.99 2.15 -0.09
C SER A 182 10.65 2.84 -0.03
N GLY A 183 9.72 2.22 0.69
CA GLY A 183 8.47 2.91 0.94
C GLY A 183 8.77 3.92 2.08
N CYS A 184 7.95 4.93 2.29
CA CYS A 184 8.15 5.86 3.42
C CYS A 184 6.79 6.42 3.90
N GLN A 185 6.71 7.19 4.97
CA GLN A 185 5.38 7.56 5.47
C GLN A 185 4.45 8.16 4.43
N GLY A 186 3.20 7.66 4.40
CA GLY A 186 2.21 8.05 3.39
C GLY A 186 2.07 6.96 2.30
N ASP A 187 2.99 5.99 2.21
CA ASP A 187 2.85 4.87 1.24
C ASP A 187 2.06 3.66 1.78
N SER A 188 1.89 3.57 3.12
CA SER A 188 1.10 2.50 3.74
C SER A 188 -0.18 2.19 3.01
N GLY A 189 -0.52 0.90 2.92
CA GLY A 189 -1.78 0.57 2.29
C GLY A 189 -1.71 0.44 0.78
N GLY A 190 -0.67 1.05 0.20
CA GLY A 190 -0.50 1.02 -1.24
C GLY A 190 -0.03 -0.31 -1.79
N PRO A 191 -0.03 -0.42 -3.12
CA PRO A 191 0.39 -1.63 -3.80
C PRO A 191 1.88 -1.84 -3.98
N LEU A 192 2.24 -3.12 -3.98
CA LEU A 192 3.56 -3.54 -4.41
C LEU A 192 3.10 -4.29 -5.69
N HIS A 193 3.47 -3.80 -6.89
CA HIS A 193 3.07 -4.45 -8.16
C HIS A 193 4.23 -5.30 -8.64
N CYS A 194 3.97 -6.58 -8.86
CA CYS A 194 5.03 -7.47 -9.30
C CYS A 194 4.68 -8.10 -10.66
N LEU A 195 5.69 -8.19 -11.51
CA LEU A 195 5.51 -8.75 -12.85
C LEU A 195 5.55 -10.28 -12.79
N VAL A 196 4.43 -10.91 -13.07
CA VAL A 196 4.35 -12.37 -13.10
C VAL A 196 3.64 -12.80 -14.39
N ASN A 197 4.27 -13.70 -15.15
CA ASN A 197 3.77 -14.16 -16.46
C ASN A 197 3.28 -13.00 -17.30
N GLY A 198 4.10 -11.95 -17.37
CA GLY A 198 3.82 -10.81 -18.23
C GLY A 198 2.83 -9.77 -17.82
N GLN A 199 2.14 -10.01 -16.71
CA GLN A 199 1.10 -9.14 -16.15
C GLN A 199 1.57 -8.61 -14.78
N TYR A 200 1.39 -7.33 -14.48
CA TYR A 200 1.76 -6.86 -13.12
C TYR A 200 0.56 -7.21 -12.23
N ALA A 201 0.79 -7.71 -11.03
CA ALA A 201 -0.34 -7.95 -10.18
C ALA A 201 0.04 -7.38 -8.81
N VAL A 202 -0.95 -7.06 -8.00
CA VAL A 202 -0.61 -6.47 -6.70
C VAL A 202 -0.40 -7.55 -5.66
N HIS A 203 0.86 -7.83 -5.35
CA HIS A 203 1.24 -8.86 -4.39
C HIS A 203 1.42 -8.34 -2.96
N GLY A 204 1.49 -7.02 -2.77
CA GLY A 204 1.65 -6.52 -1.42
C GLY A 204 0.84 -5.29 -1.07
N VAL A 205 0.56 -5.14 0.22
CA VAL A 205 -0.10 -3.96 0.78
C VAL A 205 0.98 -3.39 1.70
N THR A 206 1.44 -2.17 1.39
CA THR A 206 2.55 -1.56 2.13
C THR A 206 2.25 -1.47 3.63
N SER A 207 3.15 -2.03 4.44
CA SER A 207 2.92 -2.04 5.87
C SER A 207 3.99 -1.28 6.68
N PHE A 208 5.23 -1.78 6.70
CA PHE A 208 6.17 -1.07 7.53
C PHE A 208 7.66 -1.08 7.09
N VAL A 209 8.46 -0.29 7.81
CA VAL A 209 9.89 -0.20 7.58
C VAL A 209 10.60 -0.24 8.94
N SER A 210 11.92 -0.11 8.88
CA SER A 210 12.77 -0.12 10.09
C SER A 210 12.51 1.11 10.96
N ARG A 211 12.72 0.98 12.28
CA ARG A 211 12.55 2.14 13.18
C ARG A 211 13.73 3.03 12.86
N LEU A 212 14.73 2.46 12.21
CA LEU A 212 15.91 3.27 11.91
C LEU A 212 15.77 4.18 10.73
N GLY A 213 14.80 3.93 9.89
CA GLY A 213 14.64 4.82 8.74
C GLY A 213 13.89 4.09 7.63
N CYS A 214 13.48 4.84 6.62
CA CYS A 214 12.78 4.24 5.49
C CYS A 214 13.74 3.40 4.63
N ASN A 215 14.75 4.04 4.06
CA ASN A 215 15.72 3.30 3.22
C ASN A 215 16.89 2.89 4.10
N VAL A 216 16.84 1.68 4.62
CA VAL A 216 17.92 1.21 5.50
C VAL A 216 18.41 -0.06 4.83
N THR A 217 19.71 -0.11 4.55
CA THR A 217 20.26 -1.30 3.93
C THR A 217 19.92 -2.55 4.77
N ARG A 218 19.38 -3.57 4.11
CA ARG A 218 18.96 -4.84 4.71
C ARG A 218 17.73 -4.77 5.62
N LYS A 219 16.93 -3.73 5.46
CA LYS A 219 15.65 -3.62 6.17
C LYS A 219 14.68 -3.30 5.02
N PRO A 220 14.40 -4.29 4.19
CA PRO A 220 13.48 -4.02 3.08
C PRO A 220 12.11 -3.59 3.58
N THR A 221 11.40 -2.86 2.74
CA THR A 221 10.04 -2.45 3.11
C THR A 221 9.24 -3.77 3.21
N VAL A 222 8.34 -3.86 4.18
CA VAL A 222 7.54 -5.05 4.40
C VAL A 222 6.10 -4.79 4.07
N PHE A 223 5.48 -5.77 3.40
CA PHE A 223 4.12 -5.67 2.89
C PHE A 223 3.31 -6.87 3.31
N THR A 224 2.01 -6.66 3.38
CA THR A 224 1.12 -7.77 3.69
C THR A 224 1.08 -8.55 2.41
N ARG A 225 1.19 -9.89 2.47
CA ARG A 225 1.17 -10.75 1.31
C ARG A 225 -0.25 -10.95 0.83
N VAL A 226 -0.61 -10.23 -0.22
CA VAL A 226 -1.99 -10.26 -0.73
C VAL A 226 -2.48 -11.68 -0.98
N SER A 227 -1.60 -12.50 -1.53
CA SER A 227 -1.96 -13.88 -1.89
C SER A 227 -2.37 -14.77 -0.70
N ALA A 228 -2.08 -14.29 0.53
CA ALA A 228 -2.45 -15.01 1.70
C ALA A 228 -3.91 -14.73 2.09
N TYR A 229 -4.52 -13.72 1.47
CA TYR A 229 -5.88 -13.27 1.86
C TYR A 229 -6.95 -13.32 0.78
N ILE A 230 -6.65 -13.99 -0.32
CA ILE A 230 -7.61 -14.04 -1.39
C ILE A 230 -8.97 -14.55 -0.93
N SER A 231 -9.02 -15.62 -0.14
CA SER A 231 -10.31 -16.12 0.36
C SER A 231 -11.00 -15.12 1.28
N TRP A 232 -10.21 -14.49 2.14
CA TRP A 232 -10.75 -13.48 3.04
C TRP A 232 -11.35 -12.33 2.22
N ILE A 233 -10.57 -11.84 1.24
CA ILE A 233 -11.02 -10.73 0.40
C ILE A 233 -12.34 -11.09 -0.32
N ASN A 234 -12.36 -12.25 -0.99
CA ASN A 234 -13.58 -12.68 -1.70
C ASN A 234 -14.80 -12.83 -0.75
N ASN A 235 -14.59 -13.37 0.44
CA ASN A 235 -15.68 -13.54 1.45
C ASN A 235 -16.22 -12.15 1.88
N VAL A 236 -15.33 -11.21 2.11
CA VAL A 236 -15.82 -9.88 2.47
C VAL A 236 -16.64 -9.24 1.37
N ILE A 237 -16.10 -9.24 0.16
CA ILE A 237 -16.83 -8.61 -0.93
C ILE A 237 -18.18 -9.31 -1.19
N ALA A 238 -18.19 -10.63 -1.11
CA ALA A 238 -19.41 -11.40 -1.34
C ALA A 238 -20.48 -11.11 -0.28
N SER A 239 -20.07 -10.70 0.92
CA SER A 239 -21.06 -10.40 1.96
C SER A 239 -21.37 -8.90 2.22
N ASN A 240 -20.76 -7.97 1.51
CA ASN A 240 -21.10 -6.55 1.75
C ASN A 240 -21.64 -5.90 0.49
N THR B 1 8.16 0.45 12.16
CA THR B 1 7.46 1.75 12.02
C THR B 1 6.53 1.68 10.84
N THR B 2 5.22 1.98 11.10
CA THR B 2 4.37 1.81 9.94
C THR B 2 4.35 3.05 9.09
N LEU B 3 3.77 2.90 7.87
CA LEU B 3 4.02 4.01 6.92
C LEU B 3 2.84 4.89 6.59
N LYS B 4 2.13 5.22 7.68
CA LYS B 4 0.98 6.10 7.51
C LYS B 4 1.52 7.51 7.71
N PHE B 5 0.89 8.49 6.98
CA PHE B 5 1.36 9.88 7.14
C PHE B 5 0.38 10.70 8.01
N PRO B 6 0.89 11.65 8.89
CA PRO B 6 2.29 11.82 9.33
C PRO B 6 2.97 10.65 10.03
N SER B 7 2.15 9.84 10.71
CA SER B 7 2.71 8.64 11.35
C SER B 7 1.56 7.69 11.65
N ASP B 8 1.96 6.50 12.13
CA ASP B 8 0.93 5.51 12.44
C ASP B 8 -0.06 5.85 13.56
N TRP B 9 0.40 6.55 14.54
CA TRP B 9 0.13 7.03 15.89
C TRP B 9 -0.15 8.51 15.86
N ASP B 10 -0.19 9.13 14.60
CA ASP B 10 -0.33 10.60 14.59
C ASP B 10 -0.92 11.22 13.32
N ASP B 11 -1.89 10.57 12.73
CA ASP B 11 -2.87 11.35 11.96
C ASP B 11 -4.16 11.71 12.77
#